data_5TBU
#
_entry.id   5TBU
#
_cell.length_a   99.708
_cell.length_b   99.708
_cell.length_c   99.708
_cell.angle_alpha   90.000
_cell.angle_beta   90.000
_cell.angle_gamma   90.000
#
_symmetry.space_group_name_H-M   'P 21 3'
#
loop_
_entity.id
_entity.type
_entity.pdbx_description
1 polymer 'Purine nucleoside phosphorylase'
2 non-polymer HYPOXANTHINE
3 non-polymer 'DIMETHYL SULFOXIDE'
4 water water
#
_entity_poly.entity_id   1
_entity_poly.type   'polypeptide(L)'
_entity_poly.pdbx_seq_one_letter_code
;MTTPVVANYENASMAADYIKRVSNVLPDIGIICGSGLGKLIEEIEERKVIPYINIPNFPKTTVAGHVGNLVLGSVGGRKI
VAMQGRLHMYEGYSNQEIALPIRVMKLLGVRVLLITNLAGGINRKLKSGDFVLIKGHINFPGLGLNNVLVGPNQDEFGPR
FPDLSNAYDRLLQQLALKIAQENDFQDLVHEGVYAFNGGPTYESPDESNMLLKLGCDVVGMSTVPEVIIACHCGIKVLAV
SLIANNSILDAENDVSINHEKVLAVAEKRADLLQMWFKEIITRLPLD
;
_entity_poly.pdbx_strand_id   A
#
loop_
_chem_comp.id
_chem_comp.type
_chem_comp.name
_chem_comp.formula
DMS non-polymer 'DIMETHYL SULFOXIDE' 'C2 H6 O S'
HPA non-polymer HYPOXANTHINE 'C5 H4 N4 O'
#
# COMPACT_ATOMS: atom_id res chain seq x y z
N VAL A 5 10.62 -2.99 19.92
CA VAL A 5 9.39 -2.36 20.40
C VAL A 5 8.17 -3.05 19.80
N VAL A 6 7.33 -3.61 20.67
CA VAL A 6 6.13 -4.30 20.21
C VAL A 6 5.09 -3.27 19.78
N ALA A 7 4.35 -3.60 18.72
CA ALA A 7 3.28 -2.74 18.20
C ALA A 7 1.99 -2.97 18.98
N ASN A 8 2.04 -2.68 20.28
CA ASN A 8 0.91 -2.91 21.15
C ASN A 8 0.14 -1.61 21.40
N TYR A 9 -0.95 -1.74 22.16
CA TYR A 9 -1.85 -0.62 22.41
C TYR A 9 -1.13 0.54 23.10
N GLU A 10 -0.22 0.23 24.01
CA GLU A 10 0.44 1.28 24.78
C GLU A 10 1.48 2.02 23.95
N ASN A 11 2.29 1.29 23.17
CA ASN A 11 3.35 1.94 22.41
C ASN A 11 2.79 2.76 21.26
N ALA A 12 1.72 2.27 20.61
CA ALA A 12 1.08 3.04 19.56
C ALA A 12 0.41 4.30 20.11
N SER A 13 -0.10 4.25 21.33
CA SER A 13 -0.72 5.44 21.93
C SER A 13 0.33 6.51 22.20
N MET A 14 1.54 6.10 22.58
CA MET A 14 2.61 7.07 22.83
C MET A 14 2.97 7.81 21.56
N ALA A 15 2.97 7.11 20.42
CA ALA A 15 3.26 7.77 19.14
C ALA A 15 2.13 8.71 18.74
N ALA A 16 0.88 8.26 18.90
CA ALA A 16 -0.26 9.09 18.55
C ALA A 16 -0.35 10.34 19.43
N ASP A 17 0.06 10.23 20.71
CA ASP A 17 0.07 11.40 21.58
C ASP A 17 0.98 12.49 21.02
N TYR A 18 2.17 12.09 20.55
CA TYR A 18 3.10 13.06 19.99
C TYR A 18 2.55 13.68 18.71
N ILE A 19 1.96 12.85 17.84
CA ILE A 19 1.43 13.35 16.58
C ILE A 19 0.28 14.32 16.82
N LYS A 20 -0.58 14.01 17.81
CA LYS A 20 -1.70 14.89 18.11
C LYS A 20 -1.26 16.26 18.60
N ARG A 21 -0.14 16.33 19.33
CA ARG A 21 0.35 17.61 19.82
C ARG A 21 1.03 18.42 18.73
N VAL A 22 1.69 17.76 17.77
CA VAL A 22 2.42 18.49 16.75
C VAL A 22 1.49 19.02 15.67
N SER A 23 0.38 18.36 15.41
CA SER A 23 -0.56 18.81 14.38
C SER A 23 -1.98 18.73 14.92
N ASN A 24 -2.79 19.73 14.56
CA ASN A 24 -4.21 19.74 14.94
C ASN A 24 -5.05 18.78 14.10
N VAL A 25 -4.44 18.12 13.12
CA VAL A 25 -5.18 17.31 12.15
C VAL A 25 -5.62 16.00 12.80
N LEU A 26 -6.93 15.74 12.76
CA LEU A 26 -7.47 14.43 13.10
C LEU A 26 -7.93 13.75 11.81
N PRO A 27 -7.09 12.93 11.20
CA PRO A 27 -7.40 12.41 9.86
C PRO A 27 -8.38 11.25 9.90
N ASP A 28 -9.20 11.18 8.85
CA ASP A 28 -10.12 10.07 8.62
C ASP A 28 -9.62 9.12 7.56
N ILE A 29 -8.62 9.52 6.77
CA ILE A 29 -8.14 8.76 5.62
C ILE A 29 -6.63 8.60 5.73
N GLY A 30 -6.14 7.40 5.39
CA GLY A 30 -4.72 7.13 5.37
C GLY A 30 -4.26 6.78 3.97
N ILE A 31 -3.04 7.16 3.63
CA ILE A 31 -2.50 6.98 2.29
C ILE A 31 -1.08 6.42 2.38
N ILE A 32 -0.80 5.39 1.59
CA ILE A 32 0.55 4.86 1.43
C ILE A 32 0.82 4.73 -0.06
N CYS A 33 1.82 5.47 -0.55
CA CYS A 33 2.11 5.55 -1.97
C CYS A 33 3.41 4.81 -2.29
N GLY A 34 3.44 4.18 -3.47
CA GLY A 34 4.63 3.50 -3.92
C GLY A 34 5.71 4.47 -4.38
N SER A 35 6.89 3.89 -4.63
CA SER A 35 8.04 4.70 -5.05
CA SER A 35 8.04 4.70 -5.05
C SER A 35 7.74 5.39 -6.37
N GLY A 36 7.98 6.71 -6.40
CA GLY A 36 7.71 7.50 -7.58
C GLY A 36 6.25 7.88 -7.75
N LEU A 37 5.37 7.45 -6.84
CA LEU A 37 3.94 7.71 -6.93
C LEU A 37 3.44 8.58 -5.77
N GLY A 38 4.32 9.44 -5.24
CA GLY A 38 3.97 10.20 -4.06
C GLY A 38 3.91 11.70 -4.26
N LYS A 39 3.70 12.16 -5.50
CA LYS A 39 3.62 13.59 -5.75
C LYS A 39 2.41 14.21 -5.06
N LEU A 40 1.34 13.44 -4.85
CA LEU A 40 0.17 13.95 -4.16
C LEU A 40 0.51 14.41 -2.75
N ILE A 41 1.53 13.80 -2.13
CA ILE A 41 1.95 14.20 -0.79
C ILE A 41 2.54 15.61 -0.79
N GLU A 42 2.94 16.13 -1.96
CA GLU A 42 3.48 17.47 -2.03
C GLU A 42 2.40 18.54 -2.06
N GLU A 43 1.18 18.18 -2.46
CA GLU A 43 0.09 19.14 -2.56
C GLU A 43 -0.87 19.06 -1.38
N ILE A 44 -0.44 18.49 -0.26
CA ILE A 44 -1.25 18.47 0.95
C ILE A 44 -1.37 19.89 1.49
N GLU A 45 -2.61 20.34 1.71
CA GLU A 45 -2.86 21.70 2.18
C GLU A 45 -2.76 21.76 3.69
N GLU A 46 -2.17 22.85 4.19
CA GLU A 46 -2.01 23.07 5.63
C GLU A 46 -1.32 21.88 6.28
N ARG A 47 -0.23 21.45 5.67
CA ARG A 47 0.37 20.17 6.01
C ARG A 47 1.44 20.31 7.08
N LYS A 48 1.66 19.22 7.81
CA LYS A 48 2.72 19.12 8.81
C LYS A 48 3.54 17.88 8.51
N VAL A 49 4.84 18.06 8.31
CA VAL A 49 5.75 16.96 7.99
C VAL A 49 6.46 16.53 9.26
N ILE A 50 6.28 15.27 9.65
CA ILE A 50 6.89 14.74 10.86
C ILE A 50 7.82 13.60 10.50
N PRO A 51 9.14 13.77 10.64
CA PRO A 51 10.06 12.66 10.36
C PRO A 51 9.84 11.50 11.32
N TYR A 52 10.04 10.28 10.80
CA TYR A 52 9.85 9.08 11.62
C TYR A 52 10.74 9.09 12.85
N ILE A 53 11.96 9.61 12.71
CA ILE A 53 12.94 9.56 13.79
C ILE A 53 12.50 10.41 14.98
N ASN A 54 11.58 11.35 14.78
CA ASN A 54 11.10 12.20 15.85
C ASN A 54 9.89 11.62 16.58
N ILE A 55 9.22 10.62 16.01
CA ILE A 55 8.01 10.07 16.63
C ILE A 55 8.41 8.97 17.62
N PRO A 56 7.92 9.01 18.86
CA PRO A 56 8.24 7.93 19.80
C PRO A 56 7.73 6.59 19.32
N ASN A 57 8.56 5.56 19.50
CA ASN A 57 8.30 4.16 19.18
C ASN A 57 8.21 3.86 17.69
N PHE A 58 8.39 4.85 16.81
CA PHE A 58 8.40 4.57 15.39
C PHE A 58 9.67 3.81 15.01
N PRO A 59 9.59 2.91 14.02
CA PRO A 59 10.74 2.06 13.71
C PRO A 59 11.92 2.87 13.19
N LYS A 60 13.11 2.32 13.41
CA LYS A 60 14.35 2.96 12.98
C LYS A 60 14.61 2.63 11.52
N THR A 61 14.78 3.67 10.70
CA THR A 61 14.96 3.50 9.25
C THR A 61 16.28 4.06 8.76
N THR A 62 17.26 4.23 9.66
CA THR A 62 18.52 4.84 9.26
C THR A 62 19.37 3.90 8.40
N VAL A 63 19.31 2.59 8.66
CA VAL A 63 20.12 1.64 7.91
C VAL A 63 19.72 1.67 6.43
N ALA A 64 18.41 1.65 6.15
CA ALA A 64 17.96 1.73 4.76
C ALA A 64 18.17 3.13 4.19
N GLY A 65 17.99 4.16 5.01
CA GLY A 65 18.16 5.52 4.56
C GLY A 65 16.92 6.05 3.84
N HIS A 66 17.14 7.13 3.08
CA HIS A 66 16.11 7.76 2.25
C HIS A 66 14.96 8.32 3.09
N VAL A 67 13.95 8.86 2.41
CA VAL A 67 12.92 9.65 3.08
C VAL A 67 12.05 8.77 3.96
N GLY A 68 11.65 9.31 5.11
CA GLY A 68 10.74 8.64 6.02
C GLY A 68 9.96 9.62 6.86
N ASN A 69 8.80 10.07 6.37
CA ASN A 69 8.04 11.12 7.00
C ASN A 69 6.57 10.73 7.12
N LEU A 70 5.91 11.33 8.11
CA LEU A 70 4.46 11.27 8.24
C LEU A 70 3.92 12.67 7.96
N VAL A 71 3.06 12.77 6.94
CA VAL A 71 2.53 14.06 6.49
C VAL A 71 1.03 14.07 6.76
N LEU A 72 0.57 15.11 7.45
CA LEU A 72 -0.84 15.26 7.80
C LEU A 72 -1.36 16.60 7.28
N GLY A 73 -2.55 16.58 6.68
CA GLY A 73 -3.15 17.79 6.15
C GLY A 73 -4.48 17.57 5.44
N SER A 74 -4.82 18.44 4.48
CA SER A 74 -6.11 18.38 3.80
C SER A 74 -5.94 18.16 2.31
N VAL A 75 -6.80 17.31 1.75
CA VAL A 75 -6.89 17.08 0.31
C VAL A 75 -8.36 17.08 -0.06
N GLY A 76 -8.75 18.02 -0.93
CA GLY A 76 -10.13 18.15 -1.36
C GLY A 76 -11.13 18.29 -0.22
N GLY A 77 -10.76 19.00 0.84
CA GLY A 77 -11.64 19.14 1.99
C GLY A 77 -11.62 17.99 2.97
N ARG A 78 -10.78 16.98 2.75
CA ARG A 78 -10.72 15.81 3.59
C ARG A 78 -9.40 15.80 4.37
N LYS A 79 -9.46 15.34 5.62
CA LYS A 79 -8.29 15.29 6.49
C LYS A 79 -7.62 13.93 6.34
N ILE A 80 -6.35 13.93 5.95
CA ILE A 80 -5.62 12.71 5.64
C ILE A 80 -4.30 12.69 6.38
N VAL A 81 -3.72 11.49 6.48
CA VAL A 81 -2.36 11.28 6.96
C VAL A 81 -1.66 10.35 5.97
N ALA A 82 -0.47 10.76 5.53
CA ALA A 82 0.26 10.03 4.49
C ALA A 82 1.59 9.53 5.03
N MET A 83 1.93 8.30 4.67
CA MET A 83 3.26 7.74 4.94
C MET A 83 4.16 8.03 3.75
N GLN A 84 5.18 8.85 3.96
CA GLN A 84 6.16 9.20 2.94
C GLN A 84 7.44 8.43 3.24
N GLY A 85 7.74 7.45 2.40
CA GLY A 85 8.83 6.53 2.70
C GLY A 85 8.28 5.24 3.27
N ARG A 86 8.17 4.22 2.42
CA ARG A 86 7.49 2.99 2.76
C ARG A 86 8.45 2.00 3.43
N LEU A 87 7.92 1.26 4.40
CA LEU A 87 8.65 0.21 5.07
C LEU A 87 8.34 -1.12 4.40
N HIS A 88 9.35 -1.75 3.82
CA HIS A 88 9.20 -3.00 3.11
C HIS A 88 9.86 -4.12 3.89
N MET A 89 9.22 -5.30 3.88
CA MET A 89 9.73 -6.41 4.68
C MET A 89 10.98 -7.04 4.09
N TYR A 90 11.27 -6.84 2.80
CA TYR A 90 12.53 -7.31 2.27
C TYR A 90 13.72 -6.51 2.80
N GLU A 91 13.48 -5.36 3.43
CA GLU A 91 14.55 -4.61 4.08
C GLU A 91 15.00 -5.24 5.39
N GLY A 92 14.21 -6.17 5.95
CA GLY A 92 14.53 -6.80 7.21
C GLY A 92 13.70 -6.33 8.39
N TYR A 93 12.75 -5.42 8.18
CA TYR A 93 11.90 -4.98 9.28
C TYR A 93 11.07 -6.14 9.81
N SER A 94 10.84 -6.13 11.12
CA SER A 94 10.07 -7.19 11.74
C SER A 94 8.57 -6.95 11.56
N ASN A 95 7.77 -7.93 12.00
CA ASN A 95 6.32 -7.76 11.97
C ASN A 95 5.90 -6.56 12.81
N GLN A 96 6.53 -6.36 13.97
CA GLN A 96 6.14 -5.28 14.87
C GLN A 96 6.44 -3.91 14.25
N GLU A 97 7.55 -3.80 13.52
CA GLU A 97 7.91 -2.50 12.93
C GLU A 97 6.97 -2.11 11.81
N ILE A 98 6.53 -3.09 11.01
CA ILE A 98 5.59 -2.80 9.93
C ILE A 98 4.24 -2.37 10.50
N ALA A 99 3.80 -3.03 11.57
CA ALA A 99 2.41 -2.87 12.02
C ALA A 99 2.19 -1.56 12.76
N LEU A 100 3.19 -1.09 13.51
CA LEU A 100 3.00 0.06 14.38
C LEU A 100 2.47 1.31 13.68
N PRO A 101 3.01 1.74 12.52
CA PRO A 101 2.44 2.95 11.89
C PRO A 101 0.98 2.82 11.49
N ILE A 102 0.55 1.64 11.04
CA ILE A 102 -0.86 1.47 10.68
C ILE A 102 -1.73 1.49 11.92
N ARG A 103 -1.28 0.87 13.01
CA ARG A 103 -2.06 0.91 14.25
C ARG A 103 -2.06 2.29 14.87
N VAL A 104 -0.99 3.08 14.65
CA VAL A 104 -1.03 4.47 15.05
C VAL A 104 -2.04 5.24 14.21
N MET A 105 -2.11 4.94 12.91
CA MET A 105 -3.15 5.52 12.06
C MET A 105 -4.54 5.21 12.63
N LYS A 106 -4.74 3.97 13.08
CA LYS A 106 -6.03 3.60 13.66
C LYS A 106 -6.36 4.44 14.89
N LEU A 107 -5.37 4.64 15.77
CA LEU A 107 -5.61 5.42 16.98
C LEU A 107 -5.83 6.89 16.66
N LEU A 108 -5.28 7.39 15.55
CA LEU A 108 -5.54 8.76 15.13
C LEU A 108 -6.94 8.94 14.56
N GLY A 109 -7.64 7.85 14.25
CA GLY A 109 -8.99 7.92 13.73
C GLY A 109 -9.15 7.53 12.27
N VAL A 110 -8.15 6.91 11.66
CA VAL A 110 -8.23 6.55 10.25
C VAL A 110 -9.24 5.42 10.07
N ARG A 111 -10.15 5.58 9.12
CA ARG A 111 -11.13 4.56 8.78
C ARG A 111 -10.97 3.99 7.38
N VAL A 112 -10.27 4.68 6.48
CA VAL A 112 -10.04 4.22 5.12
C VAL A 112 -8.55 4.36 4.82
N LEU A 113 -7.96 3.30 4.25
CA LEU A 113 -6.56 3.29 3.87
C LEU A 113 -6.47 3.09 2.36
N LEU A 114 -5.80 4.00 1.66
CA LEU A 114 -5.60 3.94 0.23
C LEU A 114 -4.13 3.64 -0.06
N ILE A 115 -3.88 2.61 -0.87
CA ILE A 115 -2.53 2.11 -1.11
C ILE A 115 -2.29 1.97 -2.60
N THR A 116 -1.10 2.39 -3.05
CA THR A 116 -0.62 2.16 -4.41
C THR A 116 0.73 1.47 -4.35
N ASN A 117 1.06 0.75 -5.41
CA ASN A 117 2.35 0.07 -5.49
C ASN A 117 2.70 -0.19 -6.95
N LEU A 118 3.97 -0.52 -7.16
CA LEU A 118 4.46 -1.01 -8.45
C LEU A 118 4.56 -2.53 -8.39
N ALA A 119 4.26 -3.18 -9.51
CA ALA A 119 4.25 -4.64 -9.53
C ALA A 119 4.38 -5.12 -10.97
N GLY A 120 4.55 -6.44 -11.12
CA GLY A 120 4.64 -7.08 -12.41
C GLY A 120 3.36 -7.81 -12.78
N GLY A 121 3.08 -7.87 -14.08
CA GLY A 121 1.88 -8.52 -14.57
C GLY A 121 2.13 -9.99 -14.90
N ILE A 122 1.20 -10.83 -14.47
CA ILE A 122 1.20 -12.26 -14.78
C ILE A 122 0.12 -12.59 -15.79
N ASN A 123 -1.12 -12.15 -15.54
CA ASN A 123 -2.22 -12.36 -16.48
C ASN A 123 -1.86 -11.74 -17.83
N ARG A 124 -2.05 -12.51 -18.90
CA ARG A 124 -1.64 -12.05 -20.22
C ARG A 124 -2.42 -10.82 -20.68
N LYS A 125 -3.53 -10.50 -20.02
CA LYS A 125 -4.29 -9.31 -20.36
C LYS A 125 -3.69 -8.03 -19.79
N LEU A 126 -2.67 -8.13 -18.94
CA LEU A 126 -2.06 -6.97 -18.30
C LEU A 126 -0.82 -6.53 -19.07
N LYS A 127 -0.76 -5.24 -19.39
CA LYS A 127 0.36 -4.66 -20.12
C LYS A 127 1.03 -3.60 -19.24
N SER A 128 2.22 -3.19 -19.67
CA SER A 128 2.93 -2.11 -18.98
C SER A 128 2.11 -0.84 -19.00
N GLY A 129 1.99 -0.19 -17.84
CA GLY A 129 1.19 1.02 -17.72
C GLY A 129 -0.24 0.81 -17.29
N ASP A 130 -0.70 -0.43 -17.18
CA ASP A 130 -2.06 -0.69 -16.74
C ASP A 130 -2.17 -0.57 -15.22
N PHE A 131 -3.39 -0.29 -14.76
CA PHE A 131 -3.73 -0.29 -13.35
C PHE A 131 -4.56 -1.54 -13.03
N VAL A 132 -4.39 -2.04 -11.80
CA VAL A 132 -5.12 -3.21 -11.34
C VAL A 132 -5.73 -2.89 -9.97
N LEU A 133 -7.05 -2.90 -9.90
CA LEU A 133 -7.74 -2.82 -8.62
C LEU A 133 -7.68 -4.19 -7.96
N ILE A 134 -6.98 -4.27 -6.82
CA ILE A 134 -6.77 -5.55 -6.15
C ILE A 134 -8.06 -5.98 -5.46
N LYS A 135 -8.58 -7.15 -5.84
CA LYS A 135 -9.78 -7.69 -5.22
C LYS A 135 -9.51 -8.88 -4.31
N GLY A 136 -8.28 -9.37 -4.28
CA GLY A 136 -7.89 -10.47 -3.40
C GLY A 136 -6.40 -10.67 -3.50
N HIS A 137 -5.88 -11.52 -2.62
CA HIS A 137 -4.44 -11.75 -2.65
C HIS A 137 -4.11 -13.20 -2.31
N ILE A 138 -2.90 -13.59 -2.70
CA ILE A 138 -2.31 -14.88 -2.33
C ILE A 138 -1.01 -14.56 -1.59
N ASN A 139 -0.98 -14.88 -0.30
CA ASN A 139 0.08 -14.43 0.61
C ASN A 139 1.01 -15.60 0.89
N PHE A 140 2.08 -15.70 0.11
CA PHE A 140 3.06 -16.78 0.26
C PHE A 140 3.83 -16.68 1.57
N PRO A 141 4.26 -15.49 2.02
CA PRO A 141 4.86 -15.42 3.36
C PRO A 141 3.93 -15.87 4.46
N GLY A 142 2.63 -15.50 4.38
CA GLY A 142 1.69 -15.92 5.40
C GLY A 142 1.52 -17.44 5.45
N LEU A 143 1.46 -18.09 4.29
CA LEU A 143 1.36 -19.54 4.27
C LEU A 143 2.61 -20.21 4.84
N GLY A 144 3.76 -19.56 4.69
CA GLY A 144 5.02 -20.15 5.12
C GLY A 144 5.51 -19.64 6.47
N LEU A 145 4.56 -19.30 7.36
CA LEU A 145 4.83 -18.89 8.74
C LEU A 145 5.54 -17.56 8.85
N ASN A 146 5.42 -16.69 7.84
CA ASN A 146 5.94 -15.32 7.93
C ASN A 146 4.83 -14.29 7.78
N ASN A 147 3.63 -14.62 8.26
CA ASN A 147 2.53 -13.67 8.26
C ASN A 147 2.86 -12.51 9.19
N VAL A 148 2.39 -11.31 8.83
CA VAL A 148 2.69 -10.12 9.60
C VAL A 148 2.06 -10.16 10.98
N LEU A 149 1.10 -11.05 11.20
CA LEU A 149 0.45 -11.19 12.50
C LEU A 149 1.02 -12.31 13.35
N VAL A 150 2.07 -12.98 12.89
CA VAL A 150 2.70 -14.04 13.67
C VAL A 150 3.32 -13.43 14.92
N GLY A 151 2.97 -13.99 16.07
CA GLY A 151 3.34 -13.43 17.35
C GLY A 151 2.11 -13.31 18.24
N PRO A 152 2.28 -12.76 19.43
CA PRO A 152 1.12 -12.57 20.31
C PRO A 152 0.13 -11.60 19.69
N ASN A 153 -1.15 -11.87 19.91
CA ASN A 153 -2.20 -11.01 19.38
C ASN A 153 -2.42 -9.82 20.29
N GLN A 154 -2.52 -8.63 19.70
CA GLN A 154 -2.82 -7.41 20.44
C GLN A 154 -4.33 -7.24 20.43
N ASP A 155 -4.98 -7.67 21.51
CA ASP A 155 -6.43 -7.84 21.51
C ASP A 155 -7.17 -6.51 21.38
N GLU A 156 -6.55 -5.40 21.80
CA GLU A 156 -7.21 -4.10 21.69
C GLU A 156 -7.43 -3.70 20.24
N PHE A 157 -6.65 -4.22 19.31
CA PHE A 157 -6.77 -3.83 17.92
C PHE A 157 -7.68 -4.75 17.10
N GLY A 158 -7.60 -6.06 17.33
CA GLY A 158 -8.41 -7.00 16.58
C GLY A 158 -8.36 -8.42 17.09
N PRO A 159 -8.98 -9.33 16.37
CA PRO A 159 -9.08 -10.72 16.83
C PRO A 159 -7.83 -11.53 16.51
N ARG A 160 -7.74 -12.68 17.17
CA ARG A 160 -6.58 -13.57 16.98
C ARG A 160 -6.58 -14.18 15.58
N PHE A 161 -7.75 -14.53 15.05
CA PHE A 161 -7.89 -15.17 13.74
C PHE A 161 -8.74 -14.26 12.84
N PRO A 162 -8.13 -13.31 12.15
CA PRO A 162 -8.91 -12.40 11.30
C PRO A 162 -9.41 -13.08 10.04
N ASP A 163 -10.56 -12.61 9.55
CA ASP A 163 -11.13 -13.04 8.28
C ASP A 163 -10.76 -12.03 7.20
N LEU A 164 -10.15 -12.52 6.13
CA LEU A 164 -9.71 -11.69 5.02
C LEU A 164 -10.65 -11.76 3.82
N SER A 165 -11.87 -12.28 4.01
CA SER A 165 -12.80 -12.44 2.90
C SER A 165 -13.16 -11.11 2.26
N ASN A 166 -13.22 -10.03 3.03
CA ASN A 166 -13.58 -8.73 2.47
C ASN A 166 -12.54 -7.68 2.80
N ALA A 167 -11.25 -8.06 2.79
CA ALA A 167 -10.19 -7.11 3.11
C ALA A 167 -10.15 -5.96 2.11
N TYR A 168 -10.48 -6.21 0.85
CA TYR A 168 -10.48 -5.18 -0.19
C TYR A 168 -11.92 -4.76 -0.45
N ASP A 169 -12.26 -3.53 -0.04
CA ASP A 169 -13.64 -3.08 -0.02
C ASP A 169 -14.22 -3.01 -1.44
N ARG A 170 -15.39 -3.63 -1.62
CA ARG A 170 -16.02 -3.65 -2.93
C ARG A 170 -16.47 -2.25 -3.37
N LEU A 171 -17.09 -1.50 -2.46
CA LEU A 171 -17.60 -0.18 -2.82
C LEU A 171 -16.49 0.78 -3.19
N LEU A 172 -15.31 0.63 -2.57
CA LEU A 172 -14.18 1.50 -2.92
C LEU A 172 -13.65 1.17 -4.30
N GLN A 173 -13.64 -0.11 -4.68
CA GLN A 173 -13.25 -0.47 -6.03
C GLN A 173 -14.22 0.08 -7.07
N GLN A 174 -15.52 0.05 -6.75
CA GLN A 174 -16.52 0.58 -7.68
C GLN A 174 -16.35 2.09 -7.85
N LEU A 175 -16.04 2.79 -6.77
CA LEU A 175 -15.85 4.25 -6.86
C LEU A 175 -14.64 4.59 -7.72
N ALA A 176 -13.52 3.89 -7.50
CA ALA A 176 -12.31 4.16 -8.27
C ALA A 176 -12.53 3.88 -9.75
N LEU A 177 -13.29 2.82 -10.07
CA LEU A 177 -13.57 2.50 -11.46
C LEU A 177 -14.48 3.54 -12.09
N LYS A 178 -15.43 4.07 -11.33
CA LYS A 178 -16.35 5.06 -11.88
C LYS A 178 -15.62 6.36 -12.21
N ILE A 179 -14.70 6.79 -11.35
CA ILE A 179 -13.92 7.99 -11.62
C ILE A 179 -13.06 7.80 -12.86
N ALA A 180 -12.54 6.59 -13.06
CA ALA A 180 -11.79 6.30 -14.28
C ALA A 180 -12.68 6.38 -15.51
N GLN A 181 -13.93 5.94 -15.39
CA GLN A 181 -14.86 6.05 -16.51
C GLN A 181 -15.22 7.51 -16.79
N GLU A 182 -15.38 8.31 -15.75
CA GLU A 182 -15.73 9.71 -15.93
C GLU A 182 -14.64 10.48 -16.67
N ASN A 183 -13.39 10.03 -16.57
CA ASN A 183 -12.27 10.70 -17.23
C ASN A 183 -11.71 9.90 -18.39
N ASP A 184 -12.37 8.80 -18.77
CA ASP A 184 -12.09 8.08 -20.00
C ASP A 184 -10.69 7.45 -20.02
N PHE A 185 -10.27 6.87 -18.89
CA PHE A 185 -9.11 5.99 -18.90
C PHE A 185 -9.46 4.65 -18.28
N GLN A 186 -10.73 4.25 -18.35
CA GLN A 186 -11.15 2.93 -17.88
C GLN A 186 -10.54 1.81 -18.70
N ASP A 187 -10.04 2.11 -19.90
CA ASP A 187 -9.34 1.10 -20.70
C ASP A 187 -7.99 0.72 -20.11
N LEU A 188 -7.55 1.38 -19.05
CA LEU A 188 -6.31 1.03 -18.37
C LEU A 188 -6.54 0.33 -17.04
N VAL A 189 -7.79 0.17 -16.61
CA VAL A 189 -8.12 -0.28 -15.27
C VAL A 189 -8.62 -1.72 -15.34
N HIS A 190 -7.93 -2.61 -14.64
CA HIS A 190 -8.31 -4.01 -14.53
C HIS A 190 -8.57 -4.35 -13.07
N GLU A 191 -9.07 -5.58 -12.85
CA GLU A 191 -9.15 -6.18 -11.52
C GLU A 191 -8.35 -7.47 -11.53
N GLY A 192 -7.82 -7.85 -10.37
CA GLY A 192 -7.01 -9.05 -10.33
C GLY A 192 -6.60 -9.44 -8.92
N VAL A 193 -5.99 -10.62 -8.84
CA VAL A 193 -5.51 -11.19 -7.59
C VAL A 193 -4.02 -10.89 -7.47
N TYR A 194 -3.62 -10.39 -6.31
CA TYR A 194 -2.25 -9.94 -6.06
C TYR A 194 -1.47 -11.01 -5.30
N ALA A 195 -0.34 -11.44 -5.85
CA ALA A 195 0.52 -12.40 -5.19
C ALA A 195 1.65 -11.67 -4.47
N PHE A 196 1.90 -12.06 -3.22
CA PHE A 196 2.92 -11.44 -2.39
C PHE A 196 4.21 -12.26 -2.48
N ASN A 197 5.18 -11.74 -3.22
CA ASN A 197 6.54 -12.26 -3.24
C ASN A 197 7.38 -11.45 -2.25
N GLY A 198 7.99 -12.14 -1.29
CA GLY A 198 8.74 -11.44 -0.26
C GLY A 198 9.84 -10.56 -0.81
N GLY A 199 10.49 -10.99 -1.89
CA GLY A 199 11.58 -10.23 -2.48
C GLY A 199 12.89 -10.44 -1.76
N PRO A 200 13.91 -9.63 -2.09
CA PRO A 200 13.83 -8.48 -3.01
C PRO A 200 14.14 -8.80 -4.47
N THR A 201 14.50 -10.06 -4.77
CA THR A 201 14.76 -10.43 -6.15
C THR A 201 13.46 -10.45 -6.95
N TYR A 202 13.51 -9.96 -8.18
CA TYR A 202 12.38 -10.13 -9.07
C TYR A 202 12.14 -11.62 -9.32
N GLU A 203 10.90 -11.96 -9.62
CA GLU A 203 10.55 -13.36 -9.87
C GLU A 203 11.35 -13.88 -11.06
N SER A 204 11.89 -15.09 -10.90
CA SER A 204 12.53 -15.77 -12.01
C SER A 204 11.49 -16.10 -13.08
N PRO A 205 11.93 -16.32 -14.33
CA PRO A 205 10.95 -16.68 -15.37
C PRO A 205 10.11 -17.90 -15.00
N ASP A 206 10.69 -18.89 -14.33
CA ASP A 206 9.93 -20.07 -13.94
C ASP A 206 9.01 -19.80 -12.75
N GLU A 207 9.40 -18.87 -11.86
CA GLU A 207 8.49 -18.48 -10.78
C GLU A 207 7.28 -17.72 -11.33
N SER A 208 7.50 -16.88 -12.34
CA SER A 208 6.36 -16.22 -13.01
C SER A 208 5.47 -17.25 -13.69
N ASN A 209 6.07 -18.28 -14.29
CA ASN A 209 5.29 -19.33 -14.93
C ASN A 209 4.45 -20.09 -13.91
N MET A 210 5.01 -20.33 -12.72
CA MET A 210 4.25 -20.99 -11.67
C MET A 210 3.08 -20.13 -11.21
N LEU A 211 3.31 -18.83 -11.04
CA LEU A 211 2.24 -17.94 -10.60
C LEU A 211 1.12 -17.87 -11.62
N LEU A 212 1.42 -18.08 -12.89
CA LEU A 212 0.37 -18.14 -13.91
C LEU A 212 -0.51 -19.36 -13.72
N LYS A 213 0.08 -20.50 -13.37
CA LYS A 213 -0.71 -21.70 -13.14
C LYS A 213 -1.54 -21.60 -11.87
N LEU A 214 -1.07 -20.84 -10.89
CA LEU A 214 -1.73 -20.71 -9.59
C LEU A 214 -2.86 -19.69 -9.58
N GLY A 215 -3.12 -19.02 -10.69
CA GLY A 215 -4.20 -18.06 -10.77
C GLY A 215 -3.85 -16.66 -10.34
N CYS A 216 -2.57 -16.32 -10.26
CA CYS A 216 -2.15 -14.98 -9.85
C CYS A 216 -2.18 -14.05 -11.06
N ASP A 217 -2.77 -12.87 -10.88
CA ASP A 217 -2.78 -11.89 -11.97
C ASP A 217 -1.63 -10.91 -11.86
N VAL A 218 -1.27 -10.53 -10.62
CA VAL A 218 -0.22 -9.55 -10.36
C VAL A 218 0.68 -10.11 -9.25
N VAL A 219 1.95 -9.72 -9.26
CA VAL A 219 2.90 -10.11 -8.22
C VAL A 219 3.73 -8.89 -7.84
N GLY A 220 3.89 -8.66 -6.53
CA GLY A 220 4.65 -7.55 -6.02
C GLY A 220 5.26 -7.90 -4.68
N MET A 221 5.98 -6.94 -4.10
CA MET A 221 6.76 -7.19 -2.90
C MET A 221 6.28 -6.39 -1.68
N SER A 222 5.02 -5.95 -1.67
CA SER A 222 4.56 -5.08 -0.59
C SER A 222 3.05 -5.21 -0.45
N THR A 223 2.44 -4.23 0.22
CA THR A 223 0.99 -4.03 0.31
C THR A 223 0.30 -5.04 1.22
N VAL A 224 0.48 -6.34 0.96
CA VAL A 224 -0.24 -7.37 1.74
C VAL A 224 -0.02 -7.24 3.24
N PRO A 225 1.20 -6.98 3.74
CA PRO A 225 1.34 -6.76 5.20
C PRO A 225 0.50 -5.61 5.71
N GLU A 226 0.47 -4.48 5.01
CA GLU A 226 -0.32 -3.35 5.47
C GLU A 226 -1.81 -3.64 5.43
N VAL A 227 -2.27 -4.34 4.37
CA VAL A 227 -3.68 -4.67 4.25
C VAL A 227 -4.14 -5.54 5.41
N ILE A 228 -3.30 -6.51 5.80
CA ILE A 228 -3.69 -7.43 6.87
C ILE A 228 -3.77 -6.70 8.20
N ILE A 229 -2.81 -5.81 8.49
CA ILE A 229 -2.86 -5.04 9.73
C ILE A 229 -4.07 -4.12 9.74
N ALA A 230 -4.39 -3.52 8.59
CA ALA A 230 -5.56 -2.64 8.52
C ALA A 230 -6.85 -3.43 8.67
N CYS A 231 -6.98 -4.54 7.95
CA CYS A 231 -8.16 -5.39 8.09
C CYS A 231 -8.29 -5.95 9.50
N HIS A 232 -7.17 -6.18 10.18
CA HIS A 232 -7.21 -6.71 11.55
C HIS A 232 -7.92 -5.74 12.48
N CYS A 233 -7.66 -4.45 12.35
CA CYS A 233 -8.24 -3.45 13.24
C CYS A 233 -9.46 -2.74 12.63
N GLY A 234 -9.96 -3.22 11.50
CA GLY A 234 -11.21 -2.73 10.96
C GLY A 234 -11.11 -1.55 10.01
N ILE A 235 -9.98 -1.34 9.36
CA ILE A 235 -9.81 -0.23 8.43
C ILE A 235 -10.09 -0.73 7.02
N LYS A 236 -10.98 -0.02 6.33
CA LYS A 236 -11.27 -0.33 4.93
C LYS A 236 -10.05 -0.03 4.05
N VAL A 237 -9.88 -0.82 3.00
CA VAL A 237 -8.69 -0.75 2.17
C VAL A 237 -9.07 -0.64 0.70
N LEU A 238 -8.39 0.24 -0.02
CA LEU A 238 -8.35 0.26 -1.48
C LEU A 238 -6.90 0.15 -1.91
N ALA A 239 -6.59 -0.85 -2.73
CA ALA A 239 -5.23 -1.13 -3.17
C ALA A 239 -5.19 -1.18 -4.69
N VAL A 240 -4.27 -0.40 -5.27
CA VAL A 240 -4.13 -0.30 -6.72
C VAL A 240 -2.67 -0.57 -7.08
N SER A 241 -2.46 -1.49 -8.03
CA SER A 241 -1.13 -1.79 -8.54
C SER A 241 -0.94 -1.16 -9.92
N LEU A 242 0.22 -0.56 -10.13
CA LEU A 242 0.63 -0.08 -11.43
C LEU A 242 1.55 -1.13 -12.05
N ILE A 243 1.16 -1.64 -13.21
CA ILE A 243 1.93 -2.69 -13.89
C ILE A 243 3.10 -2.07 -14.61
N ALA A 244 4.32 -2.41 -14.19
CA ALA A 244 5.52 -1.93 -14.86
C ALA A 244 5.92 -2.78 -16.05
N ASN A 245 5.56 -4.07 -16.04
CA ASN A 245 5.94 -5.00 -17.09
C ASN A 245 5.17 -6.29 -16.88
N ASN A 246 5.09 -7.09 -17.93
CA ASN A 246 4.50 -8.42 -17.88
C ASN A 246 5.65 -9.43 -17.93
N SER A 247 5.92 -10.07 -16.78
CA SER A 247 7.05 -10.99 -16.70
CA SER A 247 7.06 -10.99 -16.71
C SER A 247 6.83 -12.27 -17.51
N ILE A 248 5.58 -12.60 -17.84
CA ILE A 248 5.34 -13.74 -18.71
C ILE A 248 5.74 -13.40 -20.14
N LEU A 249 5.41 -12.20 -20.60
CA LEU A 249 5.91 -11.73 -21.88
C LEU A 249 7.43 -11.63 -21.88
N ASP A 250 8.00 -11.09 -20.81
CA ASP A 250 9.45 -10.93 -20.74
C ASP A 250 10.17 -12.27 -20.72
N ALA A 251 9.54 -13.30 -20.14
CA ALA A 251 10.16 -14.63 -20.16
C ALA A 251 10.16 -15.21 -21.57
N GLU A 252 9.07 -15.02 -22.31
CA GLU A 252 8.99 -15.53 -23.68
C GLU A 252 10.00 -14.85 -24.60
N ASN A 253 10.31 -13.58 -24.35
CA ASN A 253 11.22 -12.82 -25.21
C ASN A 253 12.57 -12.56 -24.56
N ASP A 254 12.82 -13.10 -23.37
CA ASP A 254 14.11 -12.97 -22.68
C ASP A 254 14.51 -11.51 -22.52
N VAL A 255 13.56 -10.71 -22.03
CA VAL A 255 13.76 -9.28 -21.79
C VAL A 255 13.97 -9.06 -20.30
N SER A 256 14.97 -8.27 -19.95
CA SER A 256 15.38 -8.09 -18.56
C SER A 256 14.37 -7.26 -17.79
N ILE A 257 14.42 -7.41 -16.46
CA ILE A 257 13.60 -6.64 -15.53
C ILE A 257 14.54 -5.93 -14.56
N ASN A 258 14.45 -4.60 -14.51
CA ASN A 258 15.30 -3.87 -13.58
C ASN A 258 14.52 -2.66 -13.04
N HIS A 259 15.06 -2.09 -11.96
CA HIS A 259 14.36 -1.03 -11.24
C HIS A 259 14.33 0.27 -12.04
N GLU A 260 15.30 0.48 -12.94
CA GLU A 260 15.30 1.69 -13.74
C GLU A 260 14.10 1.73 -14.69
N LYS A 261 13.79 0.59 -15.32
CA LYS A 261 12.59 0.53 -16.17
C LYS A 261 11.32 0.70 -15.35
N VAL A 262 11.32 0.17 -14.12
CA VAL A 262 10.11 0.24 -13.29
C VAL A 262 9.82 1.70 -12.92
N LEU A 263 10.85 2.43 -12.48
CA LEU A 263 10.63 3.83 -12.10
C LEU A 263 10.25 4.69 -13.30
N ALA A 264 10.73 4.34 -14.49
CA ALA A 264 10.34 5.09 -15.68
C ALA A 264 8.85 4.94 -15.97
N VAL A 265 8.30 3.75 -15.71
CA VAL A 265 6.86 3.56 -15.87
C VAL A 265 6.10 4.35 -14.81
N ALA A 266 6.64 4.40 -13.58
CA ALA A 266 6.00 5.19 -12.54
C ALA A 266 5.96 6.67 -12.89
N GLU A 267 7.06 7.19 -13.45
CA GLU A 267 7.07 8.58 -13.90
C GLU A 267 6.10 8.80 -15.06
N LYS A 268 5.94 7.81 -15.93
CA LYS A 268 5.02 7.94 -17.06
C LYS A 268 3.57 8.05 -16.59
N ARG A 269 3.25 7.46 -15.44
CA ARG A 269 1.87 7.38 -14.96
C ARG A 269 1.64 8.18 -13.68
N ALA A 270 2.63 8.93 -13.20
CA ALA A 270 2.53 9.55 -11.88
C ALA A 270 1.42 10.58 -11.83
N ASP A 271 1.36 11.46 -12.84
CA ASP A 271 0.39 12.56 -12.79
C ASP A 271 -1.04 12.06 -12.92
N LEU A 272 -1.27 11.07 -13.79
CA LEU A 272 -2.60 10.50 -13.93
C LEU A 272 -3.05 9.82 -12.64
N LEU A 273 -2.15 9.11 -11.98
CA LEU A 273 -2.47 8.47 -10.72
C LEU A 273 -2.72 9.50 -9.61
N GLN A 274 -2.00 10.63 -9.66
CA GLN A 274 -2.21 11.68 -8.67
C GLN A 274 -3.59 12.30 -8.80
N MET A 275 -4.01 12.60 -10.04
CA MET A 275 -5.36 13.12 -10.27
C MET A 275 -6.41 12.10 -9.85
N TRP A 276 -6.15 10.82 -10.11
CA TRP A 276 -7.12 9.77 -9.81
C TRP A 276 -7.40 9.70 -8.31
N PHE A 277 -6.33 9.60 -7.50
CA PHE A 277 -6.52 9.43 -6.07
C PHE A 277 -6.96 10.71 -5.39
N LYS A 278 -6.63 11.87 -5.95
CA LYS A 278 -7.15 13.12 -5.42
C LYS A 278 -8.66 13.15 -5.47
N GLU A 279 -9.24 12.64 -6.56
CA GLU A 279 -10.70 12.61 -6.69
C GLU A 279 -11.31 11.50 -5.84
N ILE A 280 -10.63 10.37 -5.71
CA ILE A 280 -11.11 9.29 -4.85
C ILE A 280 -11.24 9.78 -3.41
N ILE A 281 -10.22 10.50 -2.93
CA ILE A 281 -10.27 11.08 -1.59
C ILE A 281 -11.47 12.03 -1.47
N THR A 282 -11.64 12.89 -2.48
CA THR A 282 -12.73 13.88 -2.43
C THR A 282 -14.10 13.20 -2.39
N ARG A 283 -14.24 12.09 -3.09
CA ARG A 283 -15.53 11.40 -3.26
C ARG A 283 -15.79 10.33 -2.21
N LEU A 284 -14.86 10.12 -1.27
CA LEU A 284 -15.06 9.09 -0.26
C LEU A 284 -16.32 9.39 0.55
N PRO A 285 -17.16 8.38 0.81
CA PRO A 285 -18.44 8.64 1.47
C PRO A 285 -18.27 9.23 2.86
N LEU A 286 -19.25 10.05 3.25
CA LEU A 286 -19.33 10.66 4.57
C LEU A 286 -20.24 9.83 5.47
N ASP A 287 -20.34 10.24 6.73
CA ASP A 287 -21.27 9.61 7.67
C ASP A 287 -22.64 10.27 7.59
N1 HPA B . 8.12 -5.56 -12.23
C2 HPA B . 7.92 -4.51 -11.35
N3 HPA B . 7.74 -4.75 -10.00
C4 HPA B . 7.75 -6.02 -9.53
C5 HPA B . 7.95 -7.09 -10.39
C6 HPA B . 8.15 -6.86 -11.74
O6 HPA B . 8.25 -7.80 -12.54
N7 HPA B . 7.92 -8.22 -9.66
C8 HPA B . 7.71 -7.88 -8.37
N9 HPA B . 7.60 -6.52 -8.29
S DMS C . -11.31 -9.19 10.79
O DMS C . -11.84 -8.69 9.49
C1 DMS C . -11.64 -7.97 12.08
C2 DMS C . -12.32 -10.57 11.38
S DMS D . 1.48 -8.32 15.11
O DMS D . 0.99 -7.73 16.40
C1 DMS D . 2.71 -7.19 14.38
C2 DMS D . 2.57 -9.72 15.46
S DMS E . 10.56 -2.38 -7.33
O DMS E . 11.07 -2.40 -8.73
C1 DMS E . 8.82 -1.86 -7.33
C2 DMS E . 10.38 -4.07 -6.71
#